data_3ISG
#
_entry.id   3ISG
#
_cell.length_a   35.041
_cell.length_b   71.613
_cell.length_c   93.139
_cell.angle_alpha   90.000
_cell.angle_beta   99.180
_cell.angle_gamma   90.000
#
_symmetry.space_group_name_H-M   'P 1 21 1'
#
loop_
_entity.id
_entity.type
_entity.pdbx_description
1 polymer 'Beta-lactamase OXA-1'
2 non-polymer '(2S,3R,4S)-2-[(2S,3R)-3-hydroxy-1-oxobutan-2-yl]-3-methyl-4-({(3S,5S)-5-[(sulfamoylamino)methyl]pyrrolidin-3-yl}sulfanyl)-3,4-dihydro-2H-pyrrole-5-carboxylic acid'
3 non-polymer (4S)-2-METHYL-2,4-PENTANEDIOL
4 water water
#
_entity_poly.entity_id   1
_entity_poly.type   'polypeptide(L)'
_entity_poly.pdbx_seq_one_letter_code
;STDISTVASPLFEGTEGCFLLYDASTNAEIAQFNKAKCATQMAPDSTF(KCX)IALSLMAFDAEIIDQKTIFKWDKTPKG
MEIWNSNHTPKTWMQFSVVWVSQEITQKIGLNKIKNYLKDFDYGNQDFSGDKERNNGLTEAWLESSLKISPEEQIQFLRK
IINHNLPVKNSAIENTIENMYLQDLDNSTKLYGKTGAGFTANRTLQNGWFEGFIISKSGHKYVFVSALTGNLGSNLTSSI
KAKKNAITILNTLNL
;
_entity_poly.pdbx_strand_id   A,B
#
loop_
_chem_comp.id
_chem_comp.type
_chem_comp.name
_chem_comp.formula
DRW non-polymer '(2S,3R,4S)-2-[(2S,3R)-3-hydroxy-1-oxobutan-2-yl]-3-methyl-4-({(3S,5S)-5-[(sulfamoylamino)methyl]pyrrolidin-3-yl}sulfanyl)-3,4-dihydro-2H-pyrrole-5-carboxylic acid' 'C15 H26 N4 O6 S2'
MPD non-polymer (4S)-2-METHYL-2,4-PENTANEDIOL 'C6 H14 O2'
#
# COMPACT_ATOMS: atom_id res chain seq x y z
N SER A 1 17.43 33.88 -13.91
CA SER A 1 16.49 33.37 -14.95
C SER A 1 16.83 33.94 -16.32
N THR A 2 17.37 33.10 -17.20
CA THR A 2 17.75 33.54 -18.53
C THR A 2 16.54 33.52 -19.44
N ASP A 3 16.18 34.69 -19.95
CA ASP A 3 15.18 34.79 -20.99
C ASP A 3 15.81 34.25 -22.27
N ILE A 4 15.29 33.12 -22.75
CA ILE A 4 15.85 32.48 -23.94
C ILE A 4 14.97 32.70 -25.17
N SER A 5 14.17 33.77 -25.15
CA SER A 5 13.29 34.13 -26.24
C SER A 5 13.97 34.15 -27.61
N THR A 6 15.21 34.64 -27.64
CA THR A 6 15.98 34.72 -28.88
C THR A 6 16.17 33.35 -29.52
N VAL A 7 16.40 32.33 -28.69
CA VAL A 7 16.53 30.97 -29.21
C VAL A 7 15.16 30.30 -29.34
N ALA A 8 14.29 30.50 -28.35
CA ALA A 8 13.03 29.78 -28.27
C ALA A 8 11.93 30.33 -29.18
N SER A 9 11.87 31.65 -29.33
CA SER A 9 10.84 32.29 -30.16
C SER A 9 10.73 31.65 -31.54
N PRO A 10 11.84 31.59 -32.31
CA PRO A 10 11.73 31.02 -33.66
C PRO A 10 11.25 29.57 -33.64
N LEU A 11 11.64 28.82 -32.61
CA LEU A 11 11.25 27.42 -32.49
C LEU A 11 9.77 27.26 -32.26
N PHE A 12 9.15 28.24 -31.61
CA PHE A 12 7.74 28.16 -31.29
C PHE A 12 6.88 29.03 -32.17
N GLU A 13 7.50 29.58 -33.22
CA GLU A 13 6.80 30.45 -34.15
C GLU A 13 5.59 29.71 -34.70
N GLY A 14 4.45 30.39 -34.74
CA GLY A 14 3.21 29.78 -35.21
C GLY A 14 2.47 29.08 -34.09
N THR A 15 3.04 29.12 -32.88
CA THR A 15 2.36 28.57 -31.72
C THR A 15 2.49 29.51 -30.55
N GLU A 16 1.67 29.29 -29.53
CA GLU A 16 1.87 29.92 -28.25
C GLU A 16 2.70 28.92 -27.49
N GLY A 17 4.01 29.15 -27.47
CA GLY A 17 4.92 28.19 -26.87
C GLY A 17 5.57 28.71 -25.62
N CYS A 18 6.10 27.80 -24.84
CA CYS A 18 6.83 28.20 -23.68
C CYS A 18 7.84 27.15 -23.35
N PHE A 19 8.80 27.54 -22.54
CA PHE A 19 9.82 26.64 -22.13
C PHE A 19 10.29 27.09 -20.77
N LEU A 20 10.45 26.13 -19.88
CA LEU A 20 11.01 26.41 -18.57
C LEU A 20 12.07 25.39 -18.30
N LEU A 21 13.18 25.84 -17.75
CA LEU A 21 14.20 24.95 -17.29
C LEU A 21 14.54 25.42 -15.89
N TYR A 22 14.38 24.53 -14.93
CA TYR A 22 14.66 24.85 -13.54
C TYR A 22 15.70 23.94 -13.01
N ASP A 23 16.51 24.45 -12.09
CA ASP A 23 17.37 23.59 -11.31
C ASP A 23 16.45 22.81 -10.42
N ALA A 24 16.63 21.49 -10.40
CA ALA A 24 15.75 20.63 -9.65
C ALA A 24 15.85 20.90 -8.16
N SER A 25 17.06 20.88 -7.62
CA SER A 25 17.23 20.98 -6.17
C SER A 25 16.85 22.35 -5.62
N THR A 26 17.24 23.40 -6.34
CA THR A 26 17.16 24.75 -5.78
C THR A 26 15.96 25.55 -6.26
N ASN A 27 15.26 25.05 -7.28
CA ASN A 27 14.11 25.75 -7.87
C ASN A 27 14.53 27.04 -8.56
N ALA A 28 15.81 27.16 -8.87
CA ALA A 28 16.30 28.29 -9.62
C ALA A 28 15.79 28.15 -11.05
N GLU A 29 15.11 29.18 -11.52
CA GLU A 29 14.74 29.26 -12.92
C GLU A 29 16.01 29.51 -13.68
N ILE A 30 16.31 28.63 -14.63
CA ILE A 30 17.54 28.72 -15.41
C ILE A 30 17.27 29.32 -16.76
N ALA A 31 16.19 28.87 -17.39
CA ALA A 31 15.82 29.38 -18.69
C ALA A 31 14.32 29.44 -18.73
N GLN A 32 13.81 30.47 -19.39
CA GLN A 32 12.39 30.62 -19.55
C GLN A 32 12.07 31.27 -20.87
N PHE A 33 10.96 30.84 -21.44
CA PHE A 33 10.37 31.49 -22.58
C PHE A 33 8.88 31.58 -22.36
N ASN A 34 8.35 32.79 -22.48
CA ASN A 34 6.93 33.04 -22.44
C ASN A 34 6.27 32.60 -21.14
N LYS A 35 6.56 33.34 -20.09
CA LYS A 35 6.03 33.04 -18.76
C LYS A 35 4.50 33.10 -18.71
N ALA A 36 3.90 33.91 -19.58
CA ALA A 36 2.44 33.99 -19.66
C ALA A 36 1.85 32.62 -20.03
N LYS A 37 2.40 32.01 -21.06
CA LYS A 37 1.99 30.68 -21.48
C LYS A 37 2.38 29.66 -20.42
N CYS A 38 3.49 29.88 -19.75
CA CYS A 38 3.91 29.00 -18.67
C CYS A 38 2.92 28.92 -17.52
N ALA A 39 2.16 29.98 -17.31
CA ALA A 39 1.21 30.04 -16.21
C ALA A 39 -0.14 29.49 -16.62
N THR A 40 -0.30 29.18 -17.90
CA THR A 40 -1.59 28.77 -18.40
C THR A 40 -1.79 27.27 -18.23
N GLN A 41 -2.86 26.89 -17.55
CA GLN A 41 -3.14 25.48 -17.38
C GLN A 41 -3.73 24.92 -18.63
N MET A 42 -3.27 23.74 -18.99
CA MET A 42 -3.94 23.01 -20.03
C MET A 42 -3.86 21.54 -19.69
N ALA A 43 -4.55 20.73 -20.48
CA ALA A 43 -4.63 19.31 -20.17
C ALA A 43 -3.22 18.76 -20.26
N PRO A 44 -2.85 17.92 -19.31
CA PRO A 44 -1.51 17.35 -19.35
C PRO A 44 -1.37 16.32 -20.45
N ASP A 45 -2.48 15.80 -20.92
CA ASP A 45 -2.48 14.71 -21.88
C ASP A 45 -1.51 13.66 -21.42
N SER A 46 -0.68 13.15 -22.31
CA SER A 46 0.11 12.01 -21.94
C SER A 46 1.15 12.32 -20.93
N THR A 47 1.41 13.58 -20.65
CA THR A 47 2.39 13.83 -19.59
C THR A 47 1.80 13.40 -18.28
N PHE A 48 0.49 13.16 -18.25
CA PHE A 48 -0.10 12.65 -17.01
C PHE A 48 0.42 11.28 -16.69
N KCX A 49 0.99 10.60 -17.69
CA KCX A 49 1.53 9.27 -17.41
CB KCX A 49 2.02 8.65 -18.71
CG KCX A 49 0.82 8.31 -19.55
CD KCX A 49 1.32 7.59 -20.80
CE KCX A 49 0.18 7.13 -21.66
NZ KCX A 49 -0.59 8.25 -22.15
C KCX A 49 2.65 9.37 -16.42
O KCX A 49 2.92 8.40 -15.73
CX KCX A 49 -1.73 8.65 -21.57
OQ1 KCX A 49 -2.31 9.64 -22.05
OQ2 KCX A 49 -2.16 8.06 -20.57
N ILE A 50 3.29 10.52 -16.32
CA ILE A 50 4.32 10.68 -15.29
C ILE A 50 3.66 10.49 -13.93
N ALA A 51 2.57 11.21 -13.72
CA ALA A 51 1.87 11.13 -12.46
C ALA A 51 1.31 9.75 -12.28
N LEU A 52 0.71 9.20 -13.32
CA LEU A 52 0.09 7.88 -13.22
CA LEU A 52 0.09 7.90 -13.20
C LEU A 52 1.11 6.83 -12.91
N SER A 53 2.29 6.97 -13.50
CA SER A 53 3.34 6.03 -13.24
C SER A 53 3.70 6.06 -11.76
N LEU A 54 3.82 7.24 -11.20
CA LEU A 54 4.12 7.35 -9.78
C LEU A 54 3.05 6.67 -8.97
N MET A 55 1.80 6.95 -9.31
CA MET A 55 0.69 6.34 -8.59
C MET A 55 0.72 4.85 -8.72
N ALA A 56 0.97 4.35 -9.91
CA ALA A 56 0.86 2.92 -10.16
C ALA A 56 1.96 2.18 -9.44
N PHE A 57 3.19 2.71 -9.49
CA PHE A 57 4.28 2.10 -8.74
C PHE A 57 4.05 2.27 -7.25
N ASP A 58 3.62 3.45 -6.84
CA ASP A 58 3.42 3.65 -5.41
C ASP A 58 2.33 2.74 -4.88
N ALA A 59 1.24 2.61 -5.63
CA ALA A 59 0.12 1.78 -5.21
C ALA A 59 0.46 0.31 -5.37
N GLU A 60 1.66 0.04 -5.89
CA GLU A 60 2.16 -1.32 -6.10
C GLU A 60 1.27 -2.14 -7.00
N ILE A 61 0.64 -1.47 -7.97
CA ILE A 61 -0.14 -2.23 -8.93
C ILE A 61 0.70 -2.58 -10.14
N ILE A 62 1.87 -1.96 -10.23
CA ILE A 62 2.81 -2.35 -11.26
C ILE A 62 4.20 -2.42 -10.69
N ASP A 63 5.04 -3.17 -11.38
CA ASP A 63 6.45 -3.28 -11.12
C ASP A 63 7.08 -3.09 -12.49
N GLN A 64 8.37 -2.84 -12.53
CA GLN A 64 9.01 -2.76 -13.83
C GLN A 64 8.80 -3.99 -14.68
N LYS A 65 8.60 -5.14 -14.01
CA LYS A 65 8.42 -6.38 -14.73
C LYS A 65 7.01 -6.61 -15.22
N THR A 66 6.09 -5.75 -14.81
CA THR A 66 4.70 -5.91 -15.16
C THR A 66 4.54 -5.89 -16.66
N ILE A 67 3.78 -6.83 -17.17
CA ILE A 67 3.42 -6.80 -18.57
C ILE A 67 1.95 -6.50 -18.64
N PHE A 68 1.63 -5.42 -19.33
CA PHE A 68 0.28 -5.05 -19.59
C PHE A 68 -0.19 -5.82 -20.78
N LYS A 69 -1.24 -6.58 -20.56
CA LYS A 69 -1.72 -7.49 -21.55
C LYS A 69 -2.68 -6.76 -22.46
N TRP A 70 -2.25 -6.65 -23.71
CA TRP A 70 -3.05 -6.03 -24.76
C TRP A 70 -4.27 -6.91 -25.00
N ASP A 71 -5.41 -6.28 -25.18
CA ASP A 71 -6.65 -7.02 -25.35
C ASP A 71 -6.80 -7.53 -26.77
N LYS A 72 -5.78 -7.30 -27.60
CA LYS A 72 -5.69 -7.86 -28.94
C LYS A 72 -6.61 -7.16 -29.93
N THR A 73 -7.17 -6.02 -29.50
CA THR A 73 -8.03 -5.22 -30.36
C THR A 73 -7.34 -3.90 -30.67
N PRO A 74 -7.63 -3.29 -31.83
CA PRO A 74 -6.93 -2.07 -32.23
C PRO A 74 -7.14 -0.93 -31.26
N LYS A 75 -6.06 -0.20 -30.97
CA LYS A 75 -6.10 0.84 -29.96
C LYS A 75 -5.93 2.24 -30.52
N GLY A 76 -5.62 2.35 -31.80
CA GLY A 76 -5.57 3.66 -32.43
C GLY A 76 -4.21 4.10 -32.91
N MET A 77 -3.17 3.51 -32.33
CA MET A 77 -1.81 3.67 -32.82
CA MET A 77 -1.80 3.68 -32.79
C MET A 77 -1.22 2.28 -32.85
N GLU A 78 -0.53 1.96 -33.92
CA GLU A 78 -0.03 0.60 -34.04
C GLU A 78 0.86 0.19 -32.89
N ILE A 79 1.67 1.12 -32.40
CA ILE A 79 2.60 0.80 -31.34
C ILE A 79 1.85 0.45 -30.06
N TRP A 80 0.59 0.85 -29.98
CA TRP A 80 -0.19 0.51 -28.82
C TRP A 80 -0.75 -0.88 -28.90
N ASN A 81 -0.73 -1.46 -30.10
CA ASN A 81 -1.36 -2.74 -30.31
C ASN A 81 -0.41 -3.87 -29.99
N SER A 82 0.00 -3.92 -28.74
CA SER A 82 0.94 -4.92 -28.31
C SER A 82 0.94 -4.89 -26.80
N ASN A 83 1.46 -5.94 -26.19
CA ASN A 83 1.70 -5.90 -24.79
C ASN A 83 2.72 -4.82 -24.50
N HIS A 84 2.66 -4.32 -23.29
CA HIS A 84 3.57 -3.28 -22.90
C HIS A 84 4.06 -3.50 -21.53
N THR A 85 5.09 -2.75 -21.19
CA THR A 85 5.65 -2.74 -19.87
C THR A 85 5.50 -1.32 -19.37
N PRO A 86 5.74 -1.08 -18.08
CA PRO A 86 5.72 0.28 -17.63
C PRO A 86 6.67 1.15 -18.41
N LYS A 87 7.81 0.61 -18.82
CA LYS A 87 8.70 1.40 -19.65
C LYS A 87 8.08 1.77 -20.97
N THR A 88 7.53 0.80 -21.68
CA THR A 88 7.05 1.11 -23.01
C THR A 88 5.73 1.85 -22.96
N TRP A 89 4.98 1.65 -21.89
CA TRP A 89 3.84 2.51 -21.61
C TRP A 89 4.22 3.96 -21.69
N MET A 90 5.30 4.31 -21.02
CA MET A 90 5.80 5.66 -21.03
CA MET A 90 5.80 5.66 -21.01
C MET A 90 6.33 6.02 -22.39
N GLN A 91 7.19 5.17 -22.91
CA GLN A 91 7.89 5.49 -24.12
C GLN A 91 6.95 5.71 -25.27
N PHE A 92 5.91 4.89 -25.35
CA PHE A 92 5.03 4.92 -26.48
C PHE A 92 3.69 5.52 -26.13
N SER A 93 3.62 6.07 -24.93
CA SER A 93 2.45 6.78 -24.49
CA SER A 93 2.42 6.79 -24.49
C SER A 93 1.20 5.92 -24.66
N VAL A 94 1.25 4.74 -24.07
CA VAL A 94 0.21 3.77 -24.30
C VAL A 94 -0.97 4.08 -23.41
N VAL A 95 -1.90 4.83 -23.97
CA VAL A 95 -2.97 5.34 -23.14
C VAL A 95 -3.83 4.19 -22.60
N TRP A 96 -3.97 3.10 -23.33
CA TRP A 96 -4.83 2.05 -22.80
C TRP A 96 -4.25 1.48 -21.54
N VAL A 97 -2.94 1.52 -21.41
CA VAL A 97 -2.31 1.06 -20.20
C VAL A 97 -2.68 1.99 -19.08
N SER A 98 -2.61 3.29 -19.35
CA SER A 98 -3.05 4.27 -18.36
C SER A 98 -4.44 4.00 -17.90
N GLN A 99 -5.31 3.69 -18.84
CA GLN A 99 -6.70 3.47 -18.51
C GLN A 99 -6.88 2.23 -17.68
N GLU A 100 -6.07 1.20 -17.92
CA GLU A 100 -6.09 0.03 -17.06
C GLU A 100 -5.64 0.40 -15.68
N ILE A 101 -4.60 1.22 -15.61
CA ILE A 101 -4.02 1.58 -14.35
C ILE A 101 -4.98 2.44 -13.53
N THR A 102 -5.62 3.41 -14.17
CA THR A 102 -6.50 4.27 -13.39
C THR A 102 -7.66 3.47 -12.86
N GLN A 103 -8.15 2.53 -13.66
CA GLN A 103 -9.26 1.70 -13.21
C GLN A 103 -8.86 0.85 -12.04
N LYS A 104 -7.60 0.43 -12.01
CA LYS A 104 -7.11 -0.40 -10.93
C LYS A 104 -6.91 0.43 -9.69
N ILE A 105 -6.34 1.63 -9.85
CA ILE A 105 -6.06 2.49 -8.70
C ILE A 105 -7.36 3.00 -8.14
N GLY A 106 -8.28 3.38 -9.02
CA GLY A 106 -9.57 3.87 -8.59
C GLY A 106 -9.54 5.36 -8.36
N LEU A 107 -10.71 5.96 -8.52
CA LEU A 107 -10.83 7.40 -8.48
C LEU A 107 -10.43 7.98 -7.13
N ASN A 108 -10.85 7.35 -6.04
CA ASN A 108 -10.51 7.87 -4.72
C ASN A 108 -9.01 8.01 -4.54
N LYS A 109 -8.29 6.95 -4.90
CA LYS A 109 -6.86 6.98 -4.72
C LYS A 109 -6.22 7.95 -5.69
N ILE A 110 -6.75 8.03 -6.90
CA ILE A 110 -6.24 9.01 -7.83
C ILE A 110 -6.39 10.41 -7.26
N LYS A 111 -7.58 10.69 -6.74
CA LYS A 111 -7.83 12.00 -6.17
C LYS A 111 -6.85 12.27 -5.05
N ASN A 112 -6.57 11.26 -4.23
CA ASN A 112 -5.63 11.44 -3.15
CA ASN A 112 -5.63 11.43 -3.14
C ASN A 112 -4.23 11.72 -3.69
N TYR A 113 -3.84 11.01 -4.74
CA TYR A 113 -2.54 11.25 -5.30
C TYR A 113 -2.45 12.62 -5.92
N LEU A 114 -3.54 13.07 -6.55
CA LEU A 114 -3.53 14.39 -7.13
C LEU A 114 -3.30 15.44 -6.06
N LYS A 115 -3.82 15.20 -4.87
CA LYS A 115 -3.55 16.08 -3.76
C LYS A 115 -2.11 16.00 -3.35
N ASP A 116 -1.62 14.77 -3.18
CA ASP A 116 -0.23 14.53 -2.79
C ASP A 116 0.72 15.20 -3.75
N PHE A 117 0.33 15.23 -5.02
CA PHE A 117 1.19 15.70 -6.07
C PHE A 117 0.95 17.16 -6.36
N ASP A 118 -0.07 17.71 -5.70
CA ASP A 118 -0.50 19.07 -5.98
C ASP A 118 -0.63 19.25 -7.48
N TYR A 119 -1.41 18.38 -8.08
CA TYR A 119 -1.36 18.26 -9.51
C TYR A 119 -2.35 19.16 -10.22
N GLY A 120 -1.90 20.37 -10.56
CA GLY A 120 -2.72 21.28 -11.34
C GLY A 120 -4.06 21.50 -10.67
N ASN A 121 -5.12 21.44 -11.46
CA ASN A 121 -6.44 21.72 -10.91
C ASN A 121 -7.04 20.49 -10.24
N GLN A 122 -6.30 19.39 -10.28
CA GLN A 122 -6.71 18.13 -9.67
C GLN A 122 -8.10 17.69 -10.06
N ASP A 123 -8.55 18.10 -11.24
CA ASP A 123 -9.91 17.83 -11.60
C ASP A 123 -9.97 16.58 -12.43
N PHE A 124 -10.34 15.47 -11.78
CA PHE A 124 -10.37 14.21 -12.46
C PHE A 124 -11.77 13.78 -12.82
N SER A 125 -12.65 14.75 -12.94
CA SER A 125 -14.05 14.45 -13.18
C SER A 125 -14.33 14.04 -14.62
N GLY A 126 -13.45 14.44 -15.53
CA GLY A 126 -13.59 14.09 -16.94
C GLY A 126 -14.82 14.74 -17.52
N ASP A 127 -15.47 14.00 -18.42
CA ASP A 127 -16.70 14.43 -19.11
C ASP A 127 -16.65 15.87 -19.62
N ARG A 130 -19.57 10.75 -20.76
CA ARG A 130 -19.99 11.05 -19.39
C ARG A 130 -19.49 9.97 -18.43
N ASN A 131 -19.20 10.39 -17.20
CA ASN A 131 -18.65 9.50 -16.17
C ASN A 131 -17.36 8.79 -16.62
N ASN A 132 -16.55 9.51 -17.39
CA ASN A 132 -15.37 8.91 -18.01
C ASN A 132 -14.07 9.43 -17.41
N GLY A 133 -14.17 10.15 -16.30
CA GLY A 133 -13.02 10.80 -15.71
C GLY A 133 -11.92 9.81 -15.47
N LEU A 134 -12.28 8.66 -14.93
CA LEU A 134 -11.30 7.68 -14.52
C LEU A 134 -10.37 7.31 -15.65
N THR A 135 -10.89 7.29 -16.89
CA THR A 135 -10.09 6.85 -18.02
C THR A 135 -9.80 7.94 -19.05
N GLU A 136 -10.28 9.16 -18.81
CA GLU A 136 -10.12 10.22 -19.80
C GLU A 136 -9.76 11.57 -19.23
N ALA A 137 -9.73 11.71 -17.91
CA ALA A 137 -9.74 13.05 -17.35
C ALA A 137 -8.53 13.87 -17.73
N TRP A 138 -7.44 13.20 -18.07
CA TRP A 138 -6.20 13.87 -18.36
C TRP A 138 -6.02 14.15 -19.83
N LEU A 139 -6.98 13.71 -20.63
CA LEU A 139 -6.88 13.77 -22.08
C LEU A 139 -7.77 14.88 -22.59
N GLU A 140 -7.22 16.08 -22.64
CA GLU A 140 -7.98 17.26 -23.10
C GLU A 140 -9.38 17.26 -22.50
N SER A 141 -9.39 17.17 -21.19
CA SER A 141 -10.63 17.03 -20.47
C SER A 141 -10.53 17.91 -19.25
N SER A 142 -10.93 17.40 -18.11
CA SER A 142 -11.07 18.21 -16.91
C SER A 142 -9.75 18.58 -16.28
N LEU A 143 -8.78 17.68 -16.34
CA LEU A 143 -7.55 17.89 -15.62
C LEU A 143 -6.70 18.88 -16.37
N LYS A 144 -6.20 19.88 -15.67
CA LYS A 144 -5.39 20.90 -16.28
C LYS A 144 -4.25 21.21 -15.37
N ILE A 145 -3.13 21.57 -15.97
CA ILE A 145 -1.96 21.90 -15.21
C ILE A 145 -1.14 22.82 -16.08
N SER A 146 -0.48 23.77 -15.46
CA SER A 146 0.29 24.70 -16.25
C SER A 146 1.70 24.19 -16.33
N PRO A 147 2.45 24.65 -17.33
CA PRO A 147 3.87 24.38 -17.37
C PRO A 147 4.59 24.69 -16.07
N GLU A 148 4.28 25.81 -15.43
CA GLU A 148 4.95 26.13 -14.18
C GLU A 148 4.62 25.09 -13.15
N GLU A 149 3.37 24.66 -13.12
CA GLU A 149 2.96 23.65 -12.16
C GLU A 149 3.63 22.33 -12.47
N GLN A 150 3.78 22.04 -13.75
CA GLN A 150 4.47 20.82 -14.18
C GLN A 150 5.90 20.87 -13.74
N ILE A 151 6.55 22.01 -13.89
CA ILE A 151 7.92 22.15 -13.41
C ILE A 151 7.97 21.77 -11.95
N GLN A 152 7.08 22.31 -11.14
CA GLN A 152 7.13 22.04 -9.72
C GLN A 152 6.84 20.59 -9.40
N PHE A 153 5.91 20.01 -10.16
CA PHE A 153 5.64 18.59 -9.99
C PHE A 153 6.90 17.79 -10.32
N LEU A 154 7.53 18.11 -11.43
CA LEU A 154 8.74 17.42 -11.84
C LEU A 154 9.82 17.57 -10.79
N ARG A 155 9.96 18.77 -10.26
CA ARG A 155 10.92 18.98 -9.19
C ARG A 155 10.65 18.07 -8.03
N LYS A 156 9.39 18.01 -7.62
CA LYS A 156 9.03 17.18 -6.50
C LYS A 156 9.37 15.74 -6.76
N ILE A 157 9.23 15.31 -8.01
CA ILE A 157 9.52 13.93 -8.34
C ILE A 157 11.00 13.71 -8.19
N ILE A 158 11.82 14.47 -8.89
CA ILE A 158 13.23 14.15 -8.92
C ILE A 158 13.89 14.45 -7.58
N ASN A 159 13.31 15.37 -6.83
CA ASN A 159 13.79 15.67 -5.48
C ASN A 159 13.24 14.72 -4.45
N HIS A 160 12.43 13.76 -4.86
CA HIS A 160 11.79 12.83 -3.91
C HIS A 160 11.01 13.55 -2.84
N ASN A 161 10.38 14.64 -3.24
CA ASN A 161 9.55 15.45 -2.36
CA ASN A 161 9.55 15.44 -2.36
C ASN A 161 8.09 15.15 -2.63
N LEU A 162 7.78 13.86 -2.72
CA LEU A 162 6.42 13.37 -2.86
C LEU A 162 6.23 12.23 -1.90
N PRO A 163 5.04 12.13 -1.31
CA PRO A 163 4.77 11.04 -0.39
C PRO A 163 4.48 9.75 -1.13
N VAL A 164 5.43 9.34 -1.97
CA VAL A 164 5.33 8.05 -2.65
C VAL A 164 6.64 7.31 -2.44
N LYS A 165 6.61 6.02 -2.72
CA LYS A 165 7.79 5.19 -2.65
C LYS A 165 8.91 5.79 -3.46
N ASN A 166 10.11 5.78 -2.88
CA ASN A 166 11.29 6.18 -3.61
C ASN A 166 11.41 5.43 -4.92
N SER A 167 11.09 4.14 -4.88
CA SER A 167 11.18 3.33 -6.08
C SER A 167 10.14 3.75 -7.10
N ALA A 168 9.01 4.28 -6.64
CA ALA A 168 7.97 4.74 -7.56
C ALA A 168 8.52 5.90 -8.36
N ILE A 169 9.21 6.78 -7.66
CA ILE A 169 9.85 7.91 -8.30
C ILE A 169 10.92 7.43 -9.25
N GLU A 170 11.82 6.59 -8.77
CA GLU A 170 12.95 6.25 -9.61
C GLU A 170 12.55 5.38 -10.77
N ASN A 171 11.57 4.51 -10.58
CA ASN A 171 11.10 3.71 -11.69
C ASN A 171 10.45 4.57 -12.75
N THR A 172 9.70 5.56 -12.30
CA THR A 172 9.07 6.46 -13.22
C THR A 172 10.09 7.27 -13.97
N ILE A 173 11.07 7.81 -13.26
CA ILE A 173 12.09 8.58 -13.93
C ILE A 173 12.82 7.70 -14.92
N GLU A 174 13.19 6.51 -14.48
CA GLU A 174 13.93 5.64 -15.37
C GLU A 174 13.15 5.40 -16.65
N ASN A 175 11.85 5.23 -16.51
CA ASN A 175 11.02 4.92 -17.64
C ASN A 175 10.84 6.07 -18.57
N MET A 176 11.18 7.24 -18.09
CA MET A 176 11.14 8.43 -18.90
C MET A 176 12.45 8.65 -19.62
N TYR A 177 13.47 7.86 -19.35
CA TYR A 177 14.72 8.09 -20.02
C TYR A 177 14.53 7.98 -21.51
N LEU A 178 15.10 8.93 -22.24
CA LEU A 178 14.94 8.96 -23.67
C LEU A 178 16.23 8.78 -24.42
N GLN A 179 17.23 9.53 -23.99
CA GLN A 179 18.47 9.60 -24.75
C GLN A 179 19.40 10.51 -24.03
N ASP A 180 20.63 10.52 -24.50
CA ASP A 180 21.55 11.52 -24.09
C ASP A 180 21.45 12.67 -25.05
N LEU A 181 21.67 13.86 -24.53
CA LEU A 181 21.78 15.05 -25.33
C LEU A 181 23.18 15.10 -25.89
N ASP A 182 23.47 16.11 -26.70
CA ASP A 182 24.74 16.20 -27.42
C ASP A 182 25.94 16.12 -26.49
N ASN A 183 25.84 16.69 -25.30
CA ASN A 183 26.96 16.69 -24.36
C ASN A 183 26.88 15.56 -23.34
N SER A 184 26.07 14.54 -23.66
CA SER A 184 25.89 13.34 -22.82
C SER A 184 25.03 13.56 -21.58
N THR A 185 24.45 14.76 -21.48
CA THR A 185 23.44 15.02 -20.48
C THR A 185 22.27 14.09 -20.76
N LYS A 186 21.75 13.52 -19.69
CA LYS A 186 20.68 12.54 -19.79
C LYS A 186 19.38 13.29 -19.95
N LEU A 187 18.61 12.89 -20.95
CA LEU A 187 17.30 13.45 -21.18
C LEU A 187 16.26 12.42 -20.79
N TYR A 188 15.43 12.81 -19.84
CA TYR A 188 14.28 12.03 -19.44
C TYR A 188 13.09 12.89 -19.76
N GLY A 189 12.10 12.33 -20.39
CA GLY A 189 11.00 13.18 -20.72
C GLY A 189 9.80 12.43 -21.13
N LYS A 190 8.74 13.18 -21.26
CA LYS A 190 7.48 12.63 -21.69
C LYS A 190 6.77 13.66 -22.50
N THR A 191 6.28 13.21 -23.63
CA THR A 191 5.50 14.04 -24.50
C THR A 191 4.05 13.95 -24.13
N GLY A 192 3.29 14.95 -24.54
CA GLY A 192 1.87 14.88 -24.45
C GLY A 192 1.35 15.74 -25.55
N ALA A 193 0.24 15.34 -26.11
CA ALA A 193 -0.38 16.11 -27.17
C ALA A 193 -1.84 15.85 -27.15
N GLY A 194 -2.60 16.84 -27.56
CA GLY A 194 -4.01 16.63 -27.73
C GLY A 194 -4.58 17.82 -28.42
N PHE A 195 -5.79 17.66 -28.93
CA PHE A 195 -6.48 18.79 -29.48
C PHE A 195 -7.29 19.41 -28.40
N THR A 196 -7.32 20.73 -28.41
CA THR A 196 -8.16 21.49 -27.49
CA THR A 196 -8.16 21.45 -27.46
C THR A 196 -9.61 21.10 -27.73
N ALA A 197 -10.35 20.89 -26.65
CA ALA A 197 -11.77 20.59 -26.75
C ALA A 197 -12.44 21.65 -27.59
N ASN A 198 -13.27 21.20 -28.54
CA ASN A 198 -14.14 22.07 -29.34
C ASN A 198 -13.41 23.03 -30.26
N ARG A 199 -12.11 22.81 -30.42
CA ARG A 199 -11.30 23.64 -31.27
C ARG A 199 -10.37 22.74 -32.06
N THR A 200 -9.67 23.35 -33.02
CA THR A 200 -8.74 22.62 -33.86
C THR A 200 -7.33 22.73 -33.31
N LEU A 201 -7.17 23.54 -32.27
CA LEU A 201 -5.85 23.81 -31.70
C LEU A 201 -5.29 22.57 -31.08
N GLN A 202 -3.96 22.51 -31.07
CA GLN A 202 -3.24 21.40 -30.47
C GLN A 202 -2.47 21.92 -29.31
N ASN A 203 -2.45 21.14 -28.24
CA ASN A 203 -1.59 21.39 -27.12
C ASN A 203 -0.51 20.36 -27.21
N GLY A 204 0.71 20.76 -26.90
CA GLY A 204 1.82 19.85 -26.91
C GLY A 204 2.67 20.11 -25.73
N TRP A 205 3.19 19.02 -25.18
CA TRP A 205 4.10 19.07 -24.09
C TRP A 205 5.28 18.21 -24.40
N PHE A 206 6.42 18.60 -23.87
CA PHE A 206 7.49 17.68 -23.65
C PHE A 206 8.17 18.16 -22.43
N GLU A 207 8.26 17.31 -21.45
CA GLU A 207 8.79 17.74 -20.18
C GLU A 207 9.51 16.63 -19.52
N GLY A 208 10.33 16.97 -18.55
CA GLY A 208 11.02 15.95 -17.84
C GLY A 208 12.23 16.50 -17.18
N PHE A 209 13.29 15.71 -17.27
CA PHE A 209 14.47 15.93 -16.47
C PHE A 209 15.65 15.88 -17.37
N ILE A 210 16.64 16.67 -17.03
CA ILE A 210 17.93 16.43 -17.59
C ILE A 210 18.88 16.25 -16.45
N ILE A 211 19.81 15.33 -16.61
CA ILE A 211 20.81 15.06 -15.60
C ILE A 211 22.16 15.19 -16.26
N SER A 212 22.95 16.15 -15.80
CA SER A 212 24.27 16.37 -16.37
C SER A 212 25.16 15.17 -16.08
N LYS A 213 26.28 15.10 -16.79
CA LYS A 213 27.26 14.04 -16.55
C LYS A 213 27.70 13.96 -15.10
N SER A 214 27.66 15.09 -14.40
CA SER A 214 28.06 15.14 -12.99
C SER A 214 26.89 14.86 -12.05
N GLY A 215 25.73 14.59 -12.64
CA GLY A 215 24.56 14.20 -11.87
C GLY A 215 23.68 15.37 -11.49
N HIS A 216 23.99 16.54 -12.03
CA HIS A 216 23.22 17.71 -11.70
C HIS A 216 21.87 17.59 -12.37
N LYS A 217 20.83 17.86 -11.60
CA LYS A 217 19.48 17.61 -12.07
C LYS A 217 18.72 18.88 -12.38
N TYR A 218 18.05 18.86 -13.52
CA TYR A 218 17.21 19.97 -13.92
C TYR A 218 15.89 19.40 -14.36
N VAL A 219 14.88 20.24 -14.29
CA VAL A 219 13.59 19.88 -14.82
C VAL A 219 13.28 20.88 -15.89
N PHE A 220 12.52 20.44 -16.88
CA PHE A 220 12.16 21.35 -17.95
C PHE A 220 10.78 21.00 -18.42
N VAL A 221 10.13 21.99 -18.98
CA VAL A 221 8.87 21.80 -19.65
C VAL A 221 8.95 22.60 -20.92
N SER A 222 8.60 21.97 -22.01
CA SER A 222 8.39 22.64 -23.26
C SER A 222 6.93 22.42 -23.58
N ALA A 223 6.18 23.47 -23.83
CA ALA A 223 4.77 23.28 -24.04
C ALA A 223 4.33 24.28 -25.06
N LEU A 224 3.26 23.96 -25.73
CA LEU A 224 2.76 24.87 -26.73
C LEU A 224 1.32 24.59 -26.99
N THR A 225 0.64 25.59 -27.51
CA THR A 225 -0.68 25.44 -28.04
C THR A 225 -0.62 26.16 -29.35
N GLY A 226 -1.15 25.54 -30.38
CA GLY A 226 -1.08 26.19 -31.65
C GLY A 226 -1.93 25.50 -32.64
N ASN A 227 -2.15 26.21 -33.72
CA ASN A 227 -2.81 25.67 -34.85
C ASN A 227 -1.77 24.95 -35.68
N LEU A 228 -1.75 23.64 -35.55
CA LEU A 228 -0.76 22.84 -36.26
C LEU A 228 -1.46 21.92 -37.23
N GLY A 229 -2.72 22.25 -37.53
CA GLY A 229 -3.48 21.46 -38.47
C GLY A 229 -4.05 20.19 -37.88
N SER A 230 -4.27 19.23 -38.75
CA SER A 230 -5.04 18.05 -38.46
C SER A 230 -4.13 16.95 -37.97
N ASN A 231 -2.83 17.13 -38.19
CA ASN A 231 -1.84 16.15 -37.75
CA ASN A 231 -1.84 16.16 -37.76
C ASN A 231 -1.36 16.54 -36.37
N LEU A 232 -1.62 15.68 -35.41
CA LEU A 232 -1.27 15.95 -34.04
C LEU A 232 0.23 15.84 -33.88
N THR A 233 0.89 16.98 -33.97
CA THR A 233 2.35 17.03 -33.97
C THR A 233 2.89 17.96 -32.90
N SER A 234 2.00 18.48 -32.08
CA SER A 234 2.37 19.46 -31.07
C SER A 234 3.43 18.94 -30.12
N SER A 235 3.33 17.68 -29.74
CA SER A 235 4.34 17.13 -28.84
C SER A 235 5.65 16.90 -29.57
N ILE A 236 5.58 16.49 -30.83
CA ILE A 236 6.79 16.37 -31.65
C ILE A 236 7.52 17.70 -31.69
N LYS A 237 6.77 18.77 -31.94
CA LYS A 237 7.35 20.09 -31.97
C LYS A 237 7.86 20.48 -30.59
N ALA A 238 7.05 20.24 -29.55
CA ALA A 238 7.48 20.59 -28.20
C ALA A 238 8.77 19.89 -27.84
N LYS A 239 8.87 18.62 -28.23
CA LYS A 239 10.05 17.83 -27.91
C LYS A 239 11.23 18.31 -28.71
N LYS A 240 11.04 18.47 -30.02
CA LYS A 240 12.15 18.93 -30.85
C LYS A 240 12.66 20.26 -30.30
N ASN A 241 11.73 21.15 -29.95
CA ASN A 241 12.14 22.44 -29.42
C ASN A 241 12.88 22.32 -28.12
N ALA A 242 12.40 21.44 -27.25
CA ALA A 242 13.06 21.27 -25.97
C ALA A 242 14.46 20.78 -26.22
N ILE A 243 14.61 19.81 -27.11
CA ILE A 243 15.92 19.25 -27.35
C ILE A 243 16.85 20.29 -27.95
N THR A 244 16.34 21.06 -28.88
CA THR A 244 17.13 22.13 -29.49
C THR A 244 17.60 23.09 -28.42
N ILE A 245 16.67 23.55 -27.61
CA ILE A 245 16.98 24.48 -26.53
C ILE A 245 17.97 23.85 -25.56
N LEU A 246 17.68 22.63 -25.11
CA LEU A 246 18.55 21.99 -24.12
C LEU A 246 19.96 21.81 -24.65
N ASN A 247 20.08 21.44 -25.92
CA ASN A 247 21.40 21.32 -26.54
C ASN A 247 22.12 22.64 -26.66
N THR A 248 21.36 23.72 -26.82
CA THR A 248 21.90 25.07 -26.90
C THR A 248 22.37 25.54 -25.53
N LEU A 249 21.61 25.20 -24.49
CA LEU A 249 21.95 25.58 -23.12
C LEU A 249 23.18 24.84 -22.61
N ASN A 250 23.45 23.67 -23.21
CA ASN A 250 24.66 22.90 -22.93
C ASN A 250 24.82 22.54 -21.45
N LEU A 251 23.71 22.21 -20.79
CA LEU A 251 23.75 21.81 -19.39
C LEU A 251 24.04 20.32 -19.24
N SER B 1 0.63 -35.81 25.13
CA SER B 1 -0.57 -35.41 24.35
C SER B 1 -1.85 -35.87 25.03
N THR B 2 -2.24 -35.16 26.08
CA THR B 2 -3.42 -35.54 26.86
C THR B 2 -4.68 -35.04 26.18
N ASP B 3 -5.58 -35.98 25.91
CA ASP B 3 -6.89 -35.66 25.41
C ASP B 3 -7.69 -35.11 26.57
N ILE B 4 -8.07 -33.84 26.49
CA ILE B 4 -8.78 -33.19 27.59
C ILE B 4 -10.26 -33.01 27.29
N SER B 5 -10.78 -33.85 26.41
CA SER B 5 -12.19 -33.81 26.05
C SER B 5 -13.13 -33.79 27.24
N THR B 6 -12.82 -34.55 28.29
CA THR B 6 -13.74 -34.58 29.43
C THR B 6 -13.92 -33.20 30.06
N VAL B 7 -12.87 -32.39 30.01
CA VAL B 7 -12.97 -31.03 30.52
C VAL B 7 -13.43 -30.08 29.42
N ALA B 8 -12.86 -30.24 28.23
CA ALA B 8 -13.05 -29.26 27.18
C ALA B 8 -14.38 -29.41 26.46
N SER B 9 -14.85 -30.63 26.25
CA SER B 9 -16.08 -30.83 25.47
CA SER B 9 -16.08 -30.84 25.47
C SER B 9 -17.26 -30.04 26.03
N PRO B 10 -17.53 -30.14 27.35
CA PRO B 10 -18.66 -29.36 27.84
C PRO B 10 -18.48 -27.85 27.64
N LEU B 11 -17.25 -27.39 27.72
CA LEU B 11 -16.96 -25.97 27.58
C LEU B 11 -17.22 -25.48 26.18
N PHE B 12 -17.05 -26.36 25.21
CA PHE B 12 -17.24 -25.99 23.82
C PHE B 12 -18.53 -26.48 23.22
N GLU B 13 -19.38 -27.08 24.06
CA GLU B 13 -20.69 -27.54 23.64
C GLU B 13 -21.41 -26.42 22.91
N GLY B 14 -22.01 -26.75 21.78
CA GLY B 14 -22.73 -25.79 20.98
C GLY B 14 -21.83 -25.14 19.96
N THR B 15 -20.55 -25.48 19.98
CA THR B 15 -19.60 -24.94 19.02
C THR B 15 -18.72 -26.06 18.53
N GLU B 16 -17.98 -25.81 17.47
CA GLU B 16 -16.90 -26.66 17.06
C GLU B 16 -15.69 -26.03 17.70
N GLY B 17 -15.28 -26.56 18.85
CA GLY B 17 -14.19 -25.93 19.57
C GLY B 17 -12.96 -26.80 19.59
N CYS B 18 -11.86 -26.19 19.97
CA CYS B 18 -10.65 -26.93 20.11
C CYS B 18 -9.76 -26.23 21.07
N PHE B 19 -8.79 -26.98 21.56
CA PHE B 19 -7.85 -26.42 22.46
C PHE B 19 -6.58 -27.16 22.26
N LEU B 20 -5.49 -26.44 22.28
CA LEU B 20 -4.17 -27.03 22.23
C LEU B 20 -3.33 -26.35 23.24
N LEU B 21 -2.55 -27.13 23.95
CA LEU B 21 -1.54 -26.59 24.82
C LEU B 21 -0.29 -27.37 24.51
N TYR B 22 0.76 -26.64 24.17
CA TYR B 22 2.03 -27.25 23.83
C TYR B 22 3.10 -26.72 24.71
N ASP B 23 4.08 -27.56 24.97
CA ASP B 23 5.29 -27.09 25.59
C ASP B 23 5.99 -26.26 24.57
N ALA B 24 6.37 -25.04 24.95
CA ALA B 24 6.98 -24.13 24.00
C ALA B 24 8.29 -24.67 23.47
N SER B 25 9.21 -25.03 24.37
CA SER B 25 10.54 -25.41 23.96
CA SER B 25 10.55 -25.43 23.97
C SER B 25 10.55 -26.74 23.20
N THR B 26 9.80 -27.72 23.71
CA THR B 26 9.90 -29.07 23.16
C THR B 26 8.89 -29.39 22.07
N ASN B 27 7.84 -28.58 21.94
CA ASN B 27 6.77 -28.89 20.99
C ASN B 27 5.94 -30.10 21.39
N ALA B 28 6.06 -30.50 22.65
CA ALA B 28 5.24 -31.57 23.16
C ALA B 28 3.81 -31.09 23.28
N GLU B 29 2.88 -31.85 22.71
CA GLU B 29 1.48 -31.59 22.92
C GLU B 29 1.17 -32.02 24.33
N ILE B 30 0.70 -31.08 25.14
CA ILE B 30 0.36 -31.36 26.52
CA ILE B 30 0.37 -31.33 26.53
C ILE B 30 -1.12 -31.59 26.69
N ALA B 31 -1.93 -30.84 25.95
CA ALA B 31 -3.36 -31.00 26.06
C ALA B 31 -3.94 -30.71 24.72
N GLN B 32 -4.95 -31.47 24.35
CA GLN B 32 -5.61 -31.22 23.10
C GLN B 32 -7.05 -31.57 23.21
N PHE B 33 -7.85 -30.82 22.47
CA PHE B 33 -9.22 -31.14 22.31
C PHE B 33 -9.56 -30.85 20.87
N ASN B 34 -10.10 -31.86 20.21
CA ASN B 34 -10.66 -31.76 18.88
C ASN B 34 -9.61 -31.41 17.85
N LYS B 35 -8.75 -32.36 17.59
CA LYS B 35 -7.68 -32.15 16.63
C LYS B 35 -8.18 -31.81 15.23
N ALA B 36 -9.36 -32.33 14.87
CA ALA B 36 -9.93 -32.01 13.57
C ALA B 36 -10.13 -30.51 13.43
N LYS B 37 -10.69 -29.90 14.47
CA LYS B 37 -10.89 -28.48 14.46
C LYS B 37 -9.56 -27.75 14.58
N CYS B 38 -8.61 -28.33 15.31
CA CYS B 38 -7.28 -27.75 15.41
C CYS B 38 -6.58 -27.62 14.08
N ALA B 39 -6.91 -28.50 13.15
CA ALA B 39 -6.25 -28.50 11.87
C ALA B 39 -6.96 -27.60 10.87
N THR B 40 -8.08 -27.03 11.28
CA THR B 40 -8.86 -26.24 10.35
C THR B 40 -8.40 -24.80 10.35
N GLN B 41 -8.06 -24.28 9.18
CA GLN B 41 -7.66 -22.89 9.11
C GLN B 41 -8.88 -22.03 9.15
N MET B 42 -8.75 -20.93 9.89
CA MET B 42 -9.77 -19.91 9.80
C MET B 42 -9.08 -18.58 10.00
N ALA B 43 -9.83 -17.52 9.81
CA ALA B 43 -9.22 -16.21 9.87
C ALA B 43 -8.69 -16.00 11.27
N PRO B 44 -7.50 -15.42 11.38
CA PRO B 44 -6.95 -15.20 12.72
C PRO B 44 -7.66 -14.09 13.44
N ASP B 45 -8.34 -13.25 12.68
CA ASP B 45 -8.96 -12.06 13.23
C ASP B 45 -7.96 -11.38 14.13
N SER B 46 -8.37 -10.95 15.31
CA SER B 46 -7.48 -10.11 16.07
C SER B 46 -6.25 -10.80 16.59
N THR B 47 -6.22 -12.12 16.52
CA THR B 47 -4.97 -12.76 16.93
C THR B 47 -3.87 -12.40 15.98
N PHE B 48 -4.22 -11.88 14.82
CA PHE B 48 -3.19 -11.45 13.90
C PHE B 48 -2.39 -10.31 14.49
N KCX B 49 -2.95 -9.64 15.49
CA KCX B 49 -2.21 -8.54 16.11
CB KCX B 49 -3.05 -7.86 17.16
CG KCX B 49 -4.12 -7.05 16.46
CD KCX B 49 -5.00 -6.38 17.52
CE KCX B 49 -6.04 -5.47 16.90
NZ KCX B 49 -7.02 -6.27 16.20
C KCX B 49 -0.92 -9.06 16.71
O KCX B 49 0.03 -8.29 16.85
CX KCX B 49 -6.98 -6.45 14.87
OQ1 KCX B 49 -7.86 -7.14 14.37
OQ2 KCX B 49 -6.08 -5.92 14.21
N ILE B 50 -0.89 -10.32 17.10
CA ILE B 50 0.36 -10.87 17.59
C ILE B 50 1.42 -10.75 16.50
N ALA B 51 1.07 -11.19 15.30
CA ALA B 51 1.99 -11.13 14.19
C ALA B 51 2.30 -9.71 13.84
N LEU B 52 1.28 -8.89 13.80
CA LEU B 52 1.48 -7.53 13.40
CA LEU B 52 1.46 -7.49 13.42
C LEU B 52 2.34 -6.78 14.41
N SER B 53 2.18 -7.11 15.68
CA SER B 53 3.00 -6.50 16.70
C SER B 53 4.46 -6.84 16.49
N LEU B 54 4.74 -8.10 16.15
CA LEU B 54 6.10 -8.50 15.87
C LEU B 54 6.62 -7.70 14.73
N MET B 55 5.82 -7.59 13.67
CA MET B 55 6.25 -6.85 12.49
C MET B 55 6.50 -5.42 12.83
N ALA B 56 5.59 -4.83 13.58
CA ALA B 56 5.66 -3.39 13.85
C ALA B 56 6.87 -3.05 14.67
N PHE B 57 7.14 -3.85 15.69
CA PHE B 57 8.33 -3.62 16.49
C PHE B 57 9.58 -3.96 15.71
N ASP B 58 9.53 -5.05 14.96
CA ASP B 58 10.71 -5.43 14.20
C ASP B 58 11.05 -4.39 13.13
N ALA B 59 10.02 -3.86 12.47
CA ALA B 59 10.22 -2.82 11.45
C ALA B 59 10.55 -1.47 12.06
N GLU B 60 10.52 -1.41 13.40
CA GLU B 60 10.85 -0.23 14.18
C GLU B 60 9.92 0.93 13.86
N ILE B 61 8.67 0.61 13.56
CA ILE B 61 7.72 1.68 13.28
C ILE B 61 6.95 2.05 14.53
N ILE B 62 7.05 1.21 15.54
CA ILE B 62 6.50 1.54 16.85
C ILE B 62 7.52 1.16 17.90
N ASP B 63 7.41 1.80 19.05
CA ASP B 63 8.04 1.28 20.24
C ASP B 63 7.02 1.30 21.36
N GLN B 64 7.42 0.88 22.55
CA GLN B 64 6.45 0.74 23.63
C GLN B 64 5.82 2.06 24.03
N LYS B 65 6.49 3.16 23.69
CA LYS B 65 6.02 4.48 24.04
C LYS B 65 5.20 5.13 22.94
N THR B 66 5.08 4.47 21.79
CA THR B 66 4.26 4.97 20.72
C THR B 66 2.85 5.22 21.20
N ILE B 67 2.33 6.38 20.84
CA ILE B 67 0.94 6.68 21.07
C ILE B 67 0.24 6.75 19.74
N PHE B 68 -0.75 5.90 19.57
CA PHE B 68 -1.62 5.95 18.43
C PHE B 68 -2.74 6.88 18.77
N LYS B 69 -2.82 7.98 18.03
CA LYS B 69 -3.80 9.00 18.31
C LYS B 69 -5.11 8.64 17.65
N TRP B 70 -6.17 8.67 18.44
CA TRP B 70 -7.49 8.44 17.92
C TRP B 70 -7.88 9.62 17.05
N ASP B 71 -8.47 9.33 15.91
CA ASP B 71 -8.82 10.37 14.96
C ASP B 71 -10.18 10.98 15.28
N LYS B 72 -10.71 10.68 16.47
CA LYS B 72 -11.96 11.28 16.99
C LYS B 72 -13.23 10.78 16.34
N THR B 73 -13.10 9.86 15.39
CA THR B 73 -14.26 9.28 14.74
C THR B 73 -14.52 7.92 15.35
N PRO B 74 -15.80 7.60 15.55
CA PRO B 74 -16.16 6.33 16.16
C PRO B 74 -15.59 5.16 15.38
N LYS B 75 -14.95 4.25 16.09
CA LYS B 75 -14.21 3.16 15.47
C LYS B 75 -14.91 1.81 15.55
N GLY B 76 -15.95 1.72 16.35
CA GLY B 76 -16.74 0.49 16.41
C GLY B 76 -16.86 -0.07 17.80
N MET B 77 -15.86 0.19 18.63
CA MET B 77 -15.92 -0.15 20.03
CA MET B 77 -15.88 -0.17 20.03
C MET B 77 -15.46 1.06 20.79
N GLU B 78 -16.13 1.36 21.89
CA GLU B 78 -15.79 2.57 22.61
CA GLU B 78 -15.80 2.57 22.61
C GLU B 78 -14.35 2.59 23.08
N ILE B 79 -13.84 1.43 23.47
CA ILE B 79 -12.48 1.40 23.95
C ILE B 79 -11.50 1.73 22.84
N TRP B 80 -11.97 1.60 21.60
CA TRP B 80 -11.11 1.94 20.48
C TRP B 80 -11.06 3.43 20.26
N ASN B 81 -12.05 4.13 20.79
CA ASN B 81 -12.19 5.56 20.56
C ASN B 81 -11.39 6.33 21.56
N SER B 82 -10.10 6.07 21.54
CA SER B 82 -9.19 6.70 22.45
C SER B 82 -7.80 6.46 21.93
N ASN B 83 -6.86 7.15 22.53
CA ASN B 83 -5.49 6.96 22.16
C ASN B 83 -5.01 5.66 22.74
N HIS B 84 -4.07 5.06 22.03
CA HIS B 84 -3.59 3.76 22.41
C HIS B 84 -2.12 3.68 22.33
N THR B 85 -1.60 2.68 23.00
CA THR B 85 -0.21 2.35 22.94
C THR B 85 -0.14 0.97 22.32
N PRO B 86 1.05 0.48 21.98
CA PRO B 86 1.11 -0.88 21.50
C PRO B 86 0.56 -1.85 22.52
N LYS B 87 0.68 -1.54 23.80
CA LYS B 87 0.12 -2.45 24.79
C LYS B 87 -1.40 -2.45 24.70
N THR B 88 -1.99 -1.27 24.66
CA THR B 88 -3.44 -1.26 24.69
C THR B 88 -4.04 -1.63 23.35
N TRP B 89 -3.26 -1.44 22.29
CA TRP B 89 -3.61 -1.98 21.00
C TRP B 89 -3.91 -3.46 21.10
N MET B 90 -2.99 -4.16 21.73
CA MET B 90 -3.14 -5.59 21.95
CA MET B 90 -3.12 -5.59 21.94
C MET B 90 -4.27 -5.87 22.90
N GLN B 91 -4.20 -5.22 24.04
CA GLN B 91 -5.14 -5.50 25.10
C GLN B 91 -6.57 -5.28 24.67
N PHE B 92 -6.81 -4.24 23.88
CA PHE B 92 -8.16 -3.88 23.53
C PHE B 92 -8.46 -4.15 22.10
N SER B 93 -7.53 -4.83 21.44
CA SER B 93 -7.74 -5.28 20.06
CA SER B 93 -7.73 -5.28 20.09
C SER B 93 -8.10 -4.12 19.18
N VAL B 94 -7.27 -3.09 19.22
CA VAL B 94 -7.62 -1.85 18.53
C VAL B 94 -7.31 -1.99 17.06
N VAL B 95 -8.30 -2.39 16.30
CA VAL B 95 -8.10 -2.72 14.89
CA VAL B 95 -8.02 -2.75 14.94
C VAL B 95 -7.54 -1.55 14.13
N TRP B 96 -7.98 -0.34 14.46
CA TRP B 96 -7.55 0.79 13.66
C TRP B 96 -6.06 1.03 13.81
N VAL B 97 -5.50 0.64 14.93
CA VAL B 97 -4.08 0.74 15.13
C VAL B 97 -3.43 -0.27 14.20
N SER B 98 -3.98 -1.47 14.14
CA SER B 98 -3.46 -2.46 13.21
C SER B 98 -3.43 -1.93 11.81
N GLN B 99 -4.51 -1.27 11.43
CA GLN B 99 -4.62 -0.79 10.08
C GLN B 99 -3.65 0.33 9.81
N GLU B 100 -3.33 1.13 10.83
CA GLU B 100 -2.30 2.14 10.63
C GLU B 100 -0.97 1.47 10.44
N ILE B 101 -0.75 0.42 11.22
CA ILE B 101 0.50 -0.26 11.21
C ILE B 101 0.71 -0.99 9.90
N THR B 102 -0.29 -1.70 9.42
CA THR B 102 -0.11 -2.43 8.16
C THR B 102 0.18 -1.46 7.03
N GLN B 103 -0.50 -0.31 7.04
CA GLN B 103 -0.28 0.73 6.03
CA GLN B 103 -0.26 0.69 6.01
C GLN B 103 1.17 1.19 6.06
N LYS B 104 1.73 1.30 7.26
CA LYS B 104 3.10 1.74 7.42
C LYS B 104 4.09 0.67 6.96
N ILE B 105 3.83 -0.58 7.35
CA ILE B 105 4.74 -1.67 7.05
C ILE B 105 4.70 -1.96 5.56
N GLY B 106 3.51 -1.96 4.99
CA GLY B 106 3.33 -2.18 3.57
C GLY B 106 3.22 -3.65 3.25
N LEU B 107 2.60 -3.93 2.12
CA LEU B 107 2.28 -5.29 1.71
C LEU B 107 3.49 -6.19 1.53
N ASN B 108 4.54 -5.75 0.84
CA ASN B 108 5.72 -6.58 0.65
C ASN B 108 6.33 -7.06 1.94
N LYS B 109 6.48 -6.14 2.88
CA LYS B 109 7.10 -6.45 4.12
C LYS B 109 6.18 -7.39 4.87
N ILE B 110 4.88 -7.10 4.85
CA ILE B 110 3.94 -8.01 5.52
C ILE B 110 4.06 -9.40 4.93
N LYS B 111 4.06 -9.48 3.61
CA LYS B 111 4.16 -10.78 2.97
C LYS B 111 5.45 -11.43 3.33
N ASN B 112 6.52 -10.67 3.40
CA ASN B 112 7.80 -11.21 3.83
C ASN B 112 7.71 -11.74 5.24
N TYR B 113 7.09 -10.97 6.13
CA TYR B 113 6.94 -11.42 7.48
C TYR B 113 6.07 -12.65 7.58
N LEU B 114 5.03 -12.71 6.76
CA LEU B 114 4.16 -13.89 6.78
C LEU B 114 4.97 -15.12 6.42
N LYS B 115 5.92 -14.96 5.50
CA LYS B 115 6.81 -16.06 5.17
C LYS B 115 7.69 -16.41 6.35
N ASP B 116 8.31 -15.39 6.94
CA ASP B 116 9.17 -15.57 8.11
C ASP B 116 8.43 -16.25 9.22
N PHE B 117 7.14 -15.95 9.33
CA PHE B 117 6.35 -16.45 10.43
C PHE B 117 5.66 -17.74 10.10
N ASP B 118 5.79 -18.17 8.85
CA ASP B 118 5.09 -19.34 8.33
C ASP B 118 3.63 -19.20 8.73
N TYR B 119 3.04 -18.07 8.37
CA TYR B 119 1.77 -17.72 8.95
C TYR B 119 0.57 -18.20 8.16
N GLY B 120 0.14 -19.41 8.49
CA GLY B 120 -1.04 -19.98 7.88
C GLY B 120 -0.95 -19.94 6.37
N ASN B 121 -2.01 -19.51 5.73
CA ASN B 121 -2.05 -19.56 4.28
C ASN B 121 -1.36 -18.35 3.69
N GLN B 122 -0.89 -17.46 4.56
CA GLN B 122 -0.14 -16.28 4.17
C GLN B 122 -0.86 -15.45 3.13
N ASP B 123 -2.18 -15.56 3.08
CA ASP B 123 -2.92 -14.90 2.04
C ASP B 123 -3.37 -13.54 2.53
N PHE B 124 -2.63 -12.51 2.11
CA PHE B 124 -2.92 -11.18 2.58
C PHE B 124 -3.63 -10.37 1.50
N SER B 125 -4.31 -11.07 0.59
CA SER B 125 -4.91 -10.39 -0.52
C SER B 125 -6.19 -9.67 -0.15
N GLY B 126 -6.82 -10.10 0.94
CA GLY B 126 -8.07 -9.49 1.39
C GLY B 126 -9.20 -9.78 0.42
N ASP B 127 -10.08 -8.80 0.28
CA ASP B 127 -11.25 -8.92 -0.60
C ASP B 127 -10.93 -8.46 -2.01
N ARG B 130 -11.71 -4.86 -3.94
CA ARG B 130 -11.65 -3.85 -2.89
C ARG B 130 -10.21 -3.41 -2.64
N ASN B 131 -9.26 -4.27 -3.00
CA ASN B 131 -7.83 -4.05 -2.75
C ASN B 131 -7.58 -3.62 -1.31
N ASN B 132 -8.18 -4.35 -0.37
CA ASN B 132 -8.22 -3.95 1.02
C ASN B 132 -7.39 -4.88 1.91
N GLY B 133 -6.59 -5.74 1.30
CA GLY B 133 -5.80 -6.72 2.04
C GLY B 133 -5.02 -6.05 3.14
N LEU B 134 -4.34 -4.97 2.77
CA LEU B 134 -3.43 -4.30 3.68
C LEU B 134 -4.09 -3.98 5.01
N THR B 135 -5.37 -3.62 4.98
CA THR B 135 -6.07 -3.22 6.21
C THR B 135 -7.19 -4.16 6.65
N GLU B 136 -7.42 -5.25 5.92
CA GLU B 136 -8.54 -6.13 6.23
C GLU B 136 -8.24 -7.63 6.14
N ALA B 137 -7.06 -7.98 5.66
CA ALA B 137 -6.87 -9.38 5.21
C ALA B 137 -7.01 -10.38 6.33
N TRP B 138 -6.80 -9.95 7.56
CA TRP B 138 -6.81 -10.87 8.69
C TRP B 138 -8.17 -10.96 9.36
N LEU B 139 -9.13 -10.23 8.84
N LEU B 139 -9.11 -10.14 8.92
CA LEU B 139 -10.41 -10.06 9.50
CA LEU B 139 -10.41 -10.09 9.58
C LEU B 139 -11.49 -10.80 8.74
C LEU B 139 -11.37 -10.82 8.68
N GLU B 140 -11.59 -12.10 8.99
CA GLU B 140 -12.55 -12.94 8.28
C GLU B 140 -12.49 -12.68 6.79
N SER B 141 -11.28 -12.79 6.28
CA SER B 141 -10.99 -12.42 4.92
C SER B 141 -10.09 -13.50 4.39
N SER B 142 -9.03 -13.11 3.73
CA SER B 142 -8.23 -14.07 3.00
C SER B 142 -7.29 -14.86 3.89
N LEU B 143 -6.79 -14.22 4.93
CA LEU B 143 -5.76 -14.84 5.72
C LEU B 143 -6.40 -15.86 6.61
N LYS B 144 -5.83 -17.05 6.62
CA LYS B 144 -6.35 -18.11 7.44
CA LYS B 144 -6.36 -18.16 7.36
C LYS B 144 -5.21 -18.87 8.05
N ILE B 145 -5.45 -19.38 9.23
CA ILE B 145 -4.43 -20.12 9.92
C ILE B 145 -5.15 -21.05 10.85
N SER B 146 -4.59 -22.22 11.06
CA SER B 146 -5.27 -23.16 11.89
C SER B 146 -4.74 -23.01 13.30
N PRO B 147 -5.49 -23.47 14.28
CA PRO B 147 -4.98 -23.53 15.64
C PRO B 147 -3.64 -24.24 15.74
N GLU B 148 -3.45 -25.35 15.05
CA GLU B 148 -2.13 -26.01 15.08
C GLU B 148 -1.07 -25.07 14.58
N GLU B 149 -1.40 -24.35 13.52
CA GLU B 149 -0.41 -23.44 12.94
C GLU B 149 -0.14 -22.29 13.88
N GLN B 150 -1.18 -21.85 14.57
CA GLN B 150 -1.02 -20.79 15.52
C GLN B 150 -0.13 -21.25 16.66
N ILE B 151 -0.32 -22.47 17.11
CA ILE B 151 0.54 -23.00 18.15
C ILE B 151 1.98 -22.89 17.70
N GLN B 152 2.27 -23.29 16.47
CA GLN B 152 3.66 -23.27 16.03
C GLN B 152 4.19 -21.88 15.88
N PHE B 153 3.34 -20.97 15.45
CA PHE B 153 3.72 -19.58 15.38
C PHE B 153 4.03 -19.07 16.78
N LEU B 154 3.15 -19.36 17.72
CA LEU B 154 3.37 -18.93 19.09
C LEU B 154 4.65 -19.51 19.63
N ARG B 155 4.89 -20.79 19.35
CA ARG B 155 6.15 -21.38 19.78
C ARG B 155 7.31 -20.61 19.22
N LYS B 156 7.26 -20.28 17.95
CA LYS B 156 8.37 -19.57 17.35
C LYS B 156 8.61 -18.26 18.05
N ILE B 157 7.54 -17.61 18.45
CA ILE B 157 7.65 -16.33 19.10
C ILE B 157 8.35 -16.51 20.42
N ILE B 158 7.80 -17.37 21.27
CA ILE B 158 8.30 -17.41 22.62
C ILE B 158 9.69 -18.05 22.65
N ASN B 159 9.97 -18.90 21.69
CA ASN B 159 11.30 -19.49 21.57
C ASN B 159 12.29 -18.59 20.87
N HIS B 160 11.85 -17.43 20.42
CA HIS B 160 12.71 -16.53 19.65
C HIS B 160 13.25 -17.21 18.40
N ASN B 161 12.38 -18.01 17.80
CA ASN B 161 12.72 -18.75 16.61
C ASN B 161 12.06 -18.06 15.43
N LEU B 162 12.25 -16.75 15.39
CA LEU B 162 11.78 -15.92 14.30
C LEU B 162 12.88 -14.96 13.96
N PRO B 163 13.01 -14.63 12.65
CA PRO B 163 13.97 -13.66 12.20
C PRO B 163 13.49 -12.24 12.43
N VAL B 164 13.14 -11.94 13.67
CA VAL B 164 12.81 -10.59 14.06
C VAL B 164 13.63 -10.24 15.29
N LYS B 165 13.68 -8.94 15.60
CA LYS B 165 14.38 -8.48 16.79
C LYS B 165 13.88 -9.18 18.02
N ASN B 166 14.79 -9.54 18.91
CA ASN B 166 14.40 -10.13 20.17
C ASN B 166 13.44 -9.22 20.93
N SER B 167 13.68 -7.93 20.88
CA SER B 167 12.83 -6.97 21.57
C SER B 167 11.45 -6.94 20.95
N ALA B 168 11.36 -7.21 19.65
CA ALA B 168 10.06 -7.21 18.99
C ALA B 168 9.23 -8.34 19.56
N ILE B 169 9.88 -9.49 19.75
CA ILE B 169 9.23 -10.62 20.37
C ILE B 169 8.87 -10.30 21.79
N GLU B 170 9.82 -9.81 22.57
CA GLU B 170 9.52 -9.62 23.98
C GLU B 170 8.53 -8.51 24.22
N ASN B 171 8.58 -7.47 23.40
CA ASN B 171 7.61 -6.40 23.54
C ASN B 171 6.24 -6.90 23.21
N THR B 172 6.15 -7.72 22.18
CA THR B 172 4.88 -8.30 21.81
C THR B 172 4.35 -9.21 22.89
N ILE B 173 5.21 -10.08 23.41
CA ILE B 173 4.77 -10.97 24.46
C ILE B 173 4.33 -10.16 25.66
N GLU B 174 5.12 -9.17 26.03
CA GLU B 174 4.79 -8.38 27.19
C GLU B 174 3.43 -7.76 27.01
N ASN B 175 3.17 -7.28 25.80
CA ASN B 175 1.92 -6.62 25.53
C ASN B 175 0.72 -7.52 25.54
N MET B 176 0.99 -8.80 25.50
CA MET B 176 -0.03 -9.81 25.56
C MET B 176 -0.32 -10.25 26.96
N TYR B 177 0.46 -9.78 27.92
CA TYR B 177 0.24 -10.22 29.27
C TYR B 177 -1.14 -9.81 29.69
N LEU B 178 -1.85 -10.75 30.29
CA LEU B 178 -3.22 -10.49 30.67
C LEU B 178 -3.41 -10.55 32.17
N GLN B 179 -2.90 -11.60 32.79
CA GLN B 179 -3.15 -11.83 34.19
C GLN B 179 -2.38 -13.04 34.61
N ASP B 180 -2.41 -13.27 35.91
CA ASP B 180 -1.97 -14.51 36.44
C ASP B 180 -3.15 -15.44 36.51
N LEU B 181 -2.88 -16.72 36.32
CA LEU B 181 -3.90 -17.73 36.50
C LEU B 181 -3.95 -18.07 37.98
N ASP B 182 -4.83 -18.99 38.35
CA ASP B 182 -5.08 -19.29 39.77
C ASP B 182 -3.83 -19.66 40.55
N ASN B 183 -2.91 -20.37 39.88
CA ASN B 183 -1.69 -20.83 40.54
C ASN B 183 -0.51 -19.91 40.22
N SER B 184 -0.84 -18.67 39.84
CA SER B 184 0.14 -17.63 39.53
C SER B 184 0.86 -17.80 38.21
N THR B 185 0.54 -18.87 37.47
CA THR B 185 1.01 -19.00 36.10
CA THR B 185 1.07 -18.97 36.11
C THR B 185 0.63 -17.74 35.35
N LYS B 186 1.54 -17.24 34.53
CA LYS B 186 1.30 -16.02 33.81
C LYS B 186 0.58 -16.35 32.54
N LEU B 187 -0.51 -15.64 32.31
CA LEU B 187 -1.28 -15.78 31.10
C LEU B 187 -1.01 -14.60 30.19
N TYR B 188 -0.56 -14.91 29.00
CA TYR B 188 -0.36 -13.93 27.95
C TYR B 188 -1.27 -14.42 26.87
N GLY B 189 -2.04 -13.53 26.29
CA GLY B 189 -2.92 -14.04 25.28
C GLY B 189 -3.52 -12.95 24.47
N LYS B 190 -4.19 -13.40 23.43
CA LYS B 190 -4.88 -12.50 22.55
C LYS B 190 -6.12 -13.20 22.06
N THR B 191 -7.21 -12.48 22.11
CA THR B 191 -8.45 -12.96 21.61
C THR B 191 -8.60 -12.55 20.17
N GLY B 192 -9.46 -13.26 19.47
CA GLY B 192 -9.86 -12.83 18.16
C GLY B 192 -11.23 -13.38 17.93
N ALA B 193 -12.04 -12.64 17.21
CA ALA B 193 -13.38 -13.08 16.94
C ALA B 193 -13.80 -12.46 15.67
N GLY B 194 -14.67 -13.14 14.96
CA GLY B 194 -15.28 -12.56 13.80
C GLY B 194 -16.38 -13.47 13.34
N PHE B 195 -17.20 -12.98 12.44
CA PHE B 195 -18.20 -13.80 11.83
C PHE B 195 -17.65 -14.36 10.56
N THR B 196 -17.99 -15.61 10.31
CA THR B 196 -17.61 -16.26 9.07
CA THR B 196 -17.63 -16.28 9.07
C THR B 196 -18.24 -15.50 7.91
N ALA B 197 -17.45 -15.30 6.86
CA ALA B 197 -17.92 -14.60 5.69
C ALA B 197 -19.17 -15.30 5.19
N ASN B 198 -20.20 -14.51 4.89
CA ASN B 198 -21.43 -14.99 4.26
C ASN B 198 -22.26 -15.91 5.10
N ARG B 199 -21.90 -15.99 6.38
CA ARG B 199 -22.58 -16.86 7.30
CA ARG B 199 -22.62 -16.85 7.29
C ARG B 199 -22.77 -16.12 8.60
N THR B 200 -23.57 -16.70 9.49
CA THR B 200 -23.77 -16.08 10.79
C THR B 200 -22.89 -16.71 11.85
N LEU B 201 -22.09 -17.71 11.47
CA LEU B 201 -21.24 -18.37 12.43
C LEU B 201 -20.18 -17.43 12.94
N GLN B 202 -19.72 -17.71 14.15
CA GLN B 202 -18.67 -16.92 14.74
C GLN B 202 -17.46 -17.78 14.89
N ASN B 203 -16.30 -17.22 14.61
CA ASN B 203 -15.04 -17.84 14.90
C ASN B 203 -14.50 -17.10 16.11
N GLY B 204 -13.90 -17.82 17.03
CA GLY B 204 -13.31 -17.20 18.19
C GLY B 204 -12.00 -17.84 18.48
N TRP B 205 -11.07 -17.04 18.94
CA TRP B 205 -9.76 -17.47 19.31
C TRP B 205 -9.43 -16.89 20.66
N PHE B 206 -8.67 -17.63 21.42
CA PHE B 206 -7.89 -17.04 22.47
C PHE B 206 -6.65 -17.85 22.54
N GLU B 207 -5.53 -17.22 22.38
CA GLU B 207 -4.31 -17.96 22.29
C GLU B 207 -3.21 -17.18 22.88
N GLY B 208 -2.12 -17.86 23.16
CA GLY B 208 -1.01 -17.17 23.73
C GLY B 208 -0.09 -18.08 24.47
N PHE B 209 0.40 -17.58 25.59
CA PHE B 209 1.48 -18.20 26.30
C PHE B 209 1.07 -18.32 27.72
N ILE B 210 1.49 -19.40 28.34
CA ILE B 210 1.50 -19.40 29.78
C ILE B 210 2.90 -19.64 30.22
N ILE B 211 3.28 -18.98 31.30
CA ILE B 211 4.59 -19.13 31.84
C ILE B 211 4.40 -19.50 33.29
N SER B 212 4.90 -20.66 33.67
CA SER B 212 4.73 -21.13 35.02
C SER B 212 5.59 -20.31 35.95
N LYS B 213 5.30 -20.44 37.24
CA LYS B 213 6.13 -19.80 38.25
C LYS B 213 7.59 -20.12 38.08
N SER B 214 7.90 -21.30 37.53
CA SER B 214 9.26 -21.76 37.30
C SER B 214 9.87 -21.21 36.01
N GLY B 215 9.07 -20.47 35.25
CA GLY B 215 9.51 -19.92 34.00
C GLY B 215 9.23 -20.84 32.84
N HIS B 216 8.55 -21.95 33.09
CA HIS B 216 8.32 -22.91 32.04
C HIS B 216 7.28 -22.35 31.10
N LYS B 217 7.60 -22.41 29.81
CA LYS B 217 6.78 -21.75 28.82
C LYS B 217 5.91 -22.73 28.05
N TYR B 218 4.65 -22.35 27.90
CA TYR B 218 3.76 -23.14 27.08
C TYR B 218 3.06 -22.22 26.16
N VAL B 219 2.53 -22.78 25.11
CA VAL B 219 1.71 -22.02 24.19
C VAL B 219 0.37 -22.71 24.13
N PHE B 220 -0.68 -21.94 23.91
CA PHE B 220 -1.96 -22.56 23.84
C PHE B 220 -2.79 -21.84 22.84
N VAL B 221 -3.79 -22.53 22.34
CA VAL B 221 -4.77 -21.96 21.47
C VAL B 221 -6.08 -22.53 21.90
N SER B 222 -7.06 -21.68 22.10
CA SER B 222 -8.42 -22.06 22.28
C SER B 222 -9.15 -21.44 21.12
N ALA B 223 -9.89 -22.22 20.36
CA ALA B 223 -10.53 -21.65 19.20
C ALA B 223 -11.83 -22.34 18.98
N LEU B 224 -12.73 -21.68 18.33
CA LEU B 224 -14.02 -22.29 18.12
C LEU B 224 -14.68 -21.62 16.97
N THR B 225 -15.62 -22.34 16.39
CA THR B 225 -16.51 -21.77 15.43
C THR B 225 -17.86 -22.26 15.86
N GLY B 226 -18.82 -21.37 15.92
CA GLY B 226 -20.12 -21.84 16.29
C GLY B 226 -21.16 -20.83 15.98
N ASN B 227 -22.38 -21.30 16.09
CA ASN B 227 -23.49 -20.42 16.01
C ASN B 227 -23.74 -19.85 17.38
N LEU B 228 -23.26 -18.64 17.59
CA LEU B 228 -23.42 -17.96 18.86
C LEU B 228 -24.36 -16.78 18.72
N GLY B 229 -25.13 -16.78 17.63
CA GLY B 229 -26.10 -15.74 17.42
C GLY B 229 -25.44 -14.46 16.95
N SER B 230 -26.08 -13.35 17.29
CA SER B 230 -25.79 -12.04 16.70
C SER B 230 -24.75 -11.31 17.52
N ASN B 231 -24.54 -11.76 18.75
CA ASN B 231 -23.60 -11.10 19.62
C ASN B 231 -22.28 -11.82 19.50
N LEU B 232 -21.26 -11.09 19.07
CA LEU B 232 -19.97 -11.67 18.79
C LEU B 232 -19.30 -11.98 20.11
N THR B 233 -19.45 -13.22 20.55
CA THR B 233 -18.96 -13.61 21.86
C THR B 233 -17.99 -14.77 21.79
N SER B 234 -17.63 -15.15 20.58
CA SER B 234 -16.83 -16.35 20.35
C SER B 234 -15.49 -16.24 21.03
N SER B 235 -14.90 -15.06 21.03
CA SER B 235 -13.60 -14.94 21.70
C SER B 235 -13.76 -14.92 23.20
N ILE B 236 -14.88 -14.38 23.68
CA ILE B 236 -15.15 -14.39 25.11
C ILE B 236 -15.24 -15.84 25.57
N LYS B 237 -15.96 -16.64 24.78
CA LYS B 237 -16.10 -18.04 25.10
C LYS B 237 -14.75 -18.73 24.97
N ALA B 238 -14.02 -18.44 23.90
CA ALA B 238 -12.74 -19.11 23.70
C ALA B 238 -11.81 -18.80 24.85
N LYS B 239 -11.80 -17.56 25.28
CA LYS B 239 -10.93 -17.15 26.36
C LYS B 239 -11.37 -17.77 27.68
N LYS B 240 -12.65 -17.69 27.96
CA LYS B 240 -13.16 -18.26 29.20
C LYS B 240 -12.81 -19.72 29.24
N ASN B 241 -13.00 -20.40 28.13
CA ASN B 241 -12.71 -21.81 28.08
C ASN B 241 -11.24 -22.07 28.27
N ALA B 242 -10.40 -21.25 27.66
CA ALA B 242 -8.99 -21.44 27.80
C ALA B 242 -8.63 -21.28 29.25
N ILE B 243 -9.16 -20.26 29.89
CA ILE B 243 -8.77 -20.02 31.27
C ILE B 243 -9.26 -21.16 32.15
N THR B 244 -10.46 -21.64 31.90
CA THR B 244 -10.99 -22.75 32.67
C THR B 244 -10.07 -23.95 32.51
N ILE B 245 -9.71 -24.26 31.27
CA ILE B 245 -8.85 -25.37 30.99
C ILE B 245 -7.47 -25.16 31.60
N LEU B 246 -6.89 -24.00 31.36
CA LEU B 246 -5.55 -23.75 31.87
C LEU B 246 -5.49 -23.86 33.38
N ASN B 247 -6.50 -23.35 34.06
CA ASN B 247 -6.53 -23.47 35.53
C ASN B 247 -6.66 -24.91 35.97
N THR B 248 -7.45 -25.69 35.25
CA THR B 248 -7.58 -27.03 35.67
CA THR B 248 -7.66 -27.10 35.54
C THR B 248 -6.36 -27.88 35.36
N LEU B 249 -5.61 -27.55 34.31
CA LEU B 249 -4.36 -28.23 34.01
C LEU B 249 -3.29 -27.92 35.05
N ASN B 250 -3.44 -26.77 35.70
CA ASN B 250 -2.58 -26.39 36.82
C ASN B 250 -1.10 -26.41 36.45
N LEU B 251 -0.77 -25.81 35.31
CA LEU B 251 0.63 -25.74 34.85
C LEU B 251 1.38 -24.55 35.45
CAA DRW C . -3.85 9.83 -26.48
CAA DRW C . -2.19 8.90 -25.06
CAB DRW C . -1.73 11.59 -28.92
NAC DRW C . -2.24 10.14 -36.86
OAD DRW C . -0.49 12.91 -25.02
OAE DRW C . 3.35 11.26 -26.44
OAF DRW C . -2.73 8.28 -35.17
OAG DRW C . -0.39 8.76 -35.76
OAH DRW C . 3.70 10.42 -28.43
OAI DRW C . -2.31 9.30 -24.66
OAI DRW C . -3.27 11.00 -24.52
CAJ DRW C . -0.74 11.65 -25.10
CAK DRW C . 2.32 12.12 -32.40
CAL DRW C . -0.58 11.40 -34.46
CAM DRW C . 0.20 10.98 -32.17
NAN DRW C . 0.64 10.47 -26.60
NAO DRW C . 1.62 12.09 -33.70
NAP DRW C . -1.66 10.41 -34.26
SAQ DRW C . 1.06 12.29 -29.95
CAR DRW C . 2.93 10.82 -27.54
CAS DRW C . 1.44 10.76 -27.72
CAT DRW C . -2.79 10.34 -25.50
CAT DRW C . -2.72 10.24 -25.57
CAU DRW C . -0.73 10.49 -28.54
CAV DRW C . 0.63 11.01 -33.62
CAW DRW C . 1.48 11.31 -31.42
CAX DRW C . -1.61 11.07 -26.18
CAY DRW C . -0.72 10.17 -27.02
CAZ DRW C . 0.73 10.88 -28.86
SBA DRW C . -1.74 9.37 -35.51
CAA DRW D . -12.40 -6.45 14.58
CAB DRW D . -14.31 -8.18 17.11
NAC DRW D . -21.35 -5.27 20.10
OAD DRW D . -10.67 -10.30 16.55
OAE DRW D . -11.76 -8.58 22.11
OAF DRW D . -19.50 -3.68 19.29
OAG DRW D . -19.34 -4.62 21.56
OAH DRW D . -10.26 -9.50 20.82
OAI DRW D . -10.13 -6.40 15.54
CAJ DRW D . -10.43 -9.03 16.61
CAK DRW D . -16.33 -9.15 21.99
CAL DRW D . -18.93 -7.30 20.42
CAM DRW D . -16.50 -7.54 20.23
NAN DRW D . -11.16 -8.03 18.64
NAO DRW D . -17.63 -8.48 22.12
NAP DRW D . -18.90 -6.15 19.52
SAQ DRW D . -14.57 -9.39 19.93
CAR DRW D . -11.32 -8.86 20.97
CAS DRW D . -11.99 -8.38 19.72
CAT DRW D . -11.21 -7.24 15.14
CAU DRW D . -13.37 -7.46 18.08
CAV DRW D . -17.63 -7.33 21.22
CAW DRW D . -15.49 -8.30 21.05
CAX DRW D . -11.58 -8.13 16.31
CAY DRW D . -11.90 -7.36 17.59
CAZ DRW D . -13.31 -8.19 19.45
SBA DRW D . -19.75 -4.90 20.13
C1 MPD E . 3.02 5.01 11.55
C2 MPD E . 2.36 4.56 12.85
O2 MPD E . 1.19 5.38 13.09
CM MPD E . 1.92 3.12 12.73
C3 MPD E . 3.31 4.71 14.04
C4 MPD E . 3.89 6.12 14.20
O4 MPD E . 2.86 7.06 14.38
C5 MPD E . 4.85 6.18 15.38
#